data_6FYL
#
_entry.id   6FYL
#
_cell.length_a   39.631
_cell.length_b   75.997
_cell.length_c   111.701
_cell.angle_alpha   90.000
_cell.angle_beta   90.000
_cell.angle_gamma   90.000
#
_symmetry.space_group_name_H-M   'P 21 21 21'
#
loop_
_entity.id
_entity.type
_entity.pdbx_description
1 polymer 'Dual specificity protein kinase CLK2'
2 non-polymer '5-[(3-chlorophenyl)amino]benzo[c][2,6]naphthyridine-8-carboxylic acid'
3 water water
#
_entity_poly.entity_id   1
_entity_poly.type   'polypeptide(L)'
_entity_poly.pdbx_seq_one_letter_code
;GPSSRRAKSVEDDAEGHLIYHVGDWLQERYEIVSTLGEGTFGRVVQCVDHRRGGARVALKIIKNVEKYKEAARLEINVLE
KINEKDPDNKNLCVQMFDWFDYHGHMCISFELLGLSTFDFLKDNNYLPYPIHQVRHMAFQLCQAVKFLHDNKLTHTDLKP
ENILFVNSDYELTYNLEKKRDERSVKSTAVRVVDFGSATFDHEHHSTIVSTRHYRAPEVILELGWSQPCDVWSIGCIIFE
YYVGFTLFQTHDNREHLAMMERILGPIPSRMIRKTRKQKYFYRGRLDWDENTSAGRYVRENCKPLRRYLTSEAEEHHQLF
DLIESMLEYEPAKRLTLGEALQHPFFARLRAEPPNKLWDSSRD
;
_entity_poly.pdbx_strand_id   A
#
loop_
_chem_comp.id
_chem_comp.type
_chem_comp.name
_chem_comp.formula
3NG non-polymer '5-[(3-chlorophenyl)amino]benzo[c][2,6]naphthyridine-8-carboxylic acid' 'C19 H12 Cl N3 O2'
#
# COMPACT_ATOMS: atom_id res chain seq x y z
N GLU A 11 23.50 0.55 23.16
CA GLU A 11 22.31 0.47 24.05
C GLU A 11 21.05 -0.02 23.31
N ASP A 12 20.76 -1.31 23.44
CA ASP A 12 19.55 -1.91 22.88
C ASP A 12 18.60 -2.35 23.98
N ASP A 13 17.30 -2.21 23.75
CA ASP A 13 16.32 -2.73 24.70
C ASP A 13 16.18 -4.25 24.55
N ALA A 14 15.29 -4.85 25.33
CA ALA A 14 15.12 -6.30 25.36
C ALA A 14 14.65 -6.88 24.02
N GLU A 15 13.94 -6.05 23.25
CA GLU A 15 13.36 -6.47 21.98
C GLU A 15 14.22 -6.11 20.76
N GLY A 16 15.38 -5.53 20.99
CA GLY A 16 16.32 -5.23 19.91
C GLY A 16 16.28 -3.83 19.33
N HIS A 17 15.34 -3.01 19.79
CA HIS A 17 15.28 -1.58 19.42
C HIS A 17 16.50 -0.82 19.94
N LEU A 18 16.98 0.14 19.17
CA LEU A 18 18.03 1.05 19.65
C LEU A 18 17.41 2.01 20.65
N ILE A 19 18.08 2.17 21.79
CA ILE A 19 17.69 3.16 22.79
C ILE A 19 18.35 4.49 22.41
N TYR A 20 17.53 5.53 22.33
CA TYR A 20 18.02 6.87 22.03
C TYR A 20 17.24 7.87 22.84
N HIS A 21 17.77 9.09 22.92
CA HIS A 21 17.07 10.22 23.52
C HIS A 21 17.13 11.36 22.51
N VAL A 22 16.10 12.22 22.53
CA VAL A 22 16.10 13.43 21.71
C VAL A 22 17.39 14.22 21.96
N GLY A 23 18.10 14.56 20.88
CA GLY A 23 19.33 15.33 21.00
C GLY A 23 20.60 14.51 20.88
N ASP A 24 20.46 13.18 20.83
CA ASP A 24 21.56 12.27 20.52
C ASP A 24 22.00 12.48 19.07
N TRP A 25 23.28 12.23 18.81
CA TRP A 25 23.81 12.24 17.47
C TRP A 25 24.19 10.83 17.05
N LEU A 26 23.88 10.48 15.81
CA LEU A 26 24.35 9.23 15.25
C LEU A 26 25.32 9.51 14.13
N GLN A 27 26.43 8.75 14.11
CA GLN A 27 27.46 8.88 13.08
C GLN A 27 28.08 10.28 13.04
N GLU A 28 28.04 10.97 14.17
CA GLU A 28 28.45 12.37 14.27
C GLU A 28 27.83 13.21 13.14
N ARG A 29 26.54 12.96 12.88
CA ARG A 29 25.91 13.51 11.68
C ARG A 29 24.41 13.75 11.84
N TYR A 30 23.70 12.74 12.35
CA TYR A 30 22.25 12.80 12.48
C TYR A 30 21.84 13.14 13.91
N GLU A 31 21.23 14.31 14.08
CA GLU A 31 20.78 14.74 15.40
C GLU A 31 19.29 14.44 15.58
N ILE A 32 18.96 13.61 16.57
CA ILE A 32 17.59 13.16 16.76
C ILE A 32 16.72 14.30 17.31
N VAL A 33 15.62 14.57 16.61
CA VAL A 33 14.70 15.66 16.93
C VAL A 33 13.39 15.13 17.54
N SER A 34 12.86 14.05 16.98
CA SER A 34 11.61 13.46 17.44
C SER A 34 11.40 12.07 16.85
N THR A 35 10.43 11.33 17.40
CA THR A 35 10.08 10.03 16.86
C THR A 35 8.84 10.14 15.98
N LEU A 36 8.97 9.72 14.73
CA LEU A 36 7.89 9.80 13.76
C LEU A 36 6.95 8.61 13.86
N GLY A 37 7.52 7.44 14.13
CA GLY A 37 6.75 6.23 14.20
C GLY A 37 7.55 5.02 14.64
N GLU A 38 6.82 3.94 14.90
CA GLU A 38 7.36 2.74 15.49
C GLU A 38 6.62 1.56 14.87
N GLY A 39 7.33 0.45 14.68
CA GLY A 39 6.75 -0.78 14.13
C GLY A 39 7.52 -2.00 14.60
N THR A 40 7.17 -3.17 14.08
CA THR A 40 7.81 -4.42 14.50
C THR A 40 9.29 -4.50 14.10
N PHE A 41 9.66 -3.77 13.04
CA PHE A 41 10.97 -3.81 12.40
CA PHE A 41 11.00 -3.88 12.49
C PHE A 41 11.97 -2.81 12.99
N GLY A 42 11.43 -1.76 13.60
CA GLY A 42 12.25 -0.65 14.09
C GLY A 42 11.44 0.62 14.28
N ARG A 43 12.13 1.76 14.32
CA ARG A 43 11.49 3.05 14.47
C ARG A 43 11.96 4.01 13.40
N VAL A 44 11.10 4.96 13.04
CA VAL A 44 11.53 6.04 12.15
C VAL A 44 11.61 7.28 13.01
N VAL A 45 12.76 7.97 12.93
CA VAL A 45 12.98 9.17 13.75
CA VAL A 45 13.07 9.13 13.77
C VAL A 45 13.34 10.37 12.90
N GLN A 46 12.78 11.51 13.26
CA GLN A 46 13.11 12.76 12.57
C GLN A 46 14.48 13.24 13.04
N CYS A 47 15.39 13.46 12.11
CA CYS A 47 16.73 13.95 12.42
C CYS A 47 17.07 15.19 11.61
N VAL A 48 18.03 15.97 12.14
CA VAL A 48 18.73 16.99 11.38
C VAL A 48 19.99 16.33 10.83
N ASP A 49 20.13 16.39 9.51
CA ASP A 49 21.34 15.88 8.87
C ASP A 49 22.37 17.01 8.71
N HIS A 50 23.36 17.01 9.59
CA HIS A 50 24.34 18.09 9.65
C HIS A 50 25.38 18.03 8.51
N ARG A 51 25.43 16.92 7.80
CA ARG A 51 26.25 16.79 6.58
C ARG A 51 25.47 17.12 5.29
N ARG A 52 24.21 17.48 5.45
CA ARG A 52 23.37 17.92 4.34
C ARG A 52 22.76 19.28 4.63
N GLY A 53 23.60 20.20 5.13
CA GLY A 53 23.17 21.57 5.41
C GLY A 53 22.08 21.73 6.46
N GLY A 54 21.90 20.72 7.30
CA GLY A 54 20.88 20.79 8.35
C GLY A 54 19.49 20.39 7.87
N ALA A 55 19.41 19.79 6.68
CA ALA A 55 18.13 19.27 6.15
C ALA A 55 17.50 18.28 7.11
N ARG A 56 16.18 18.34 7.27
CA ARG A 56 15.47 17.34 8.07
C ARG A 56 15.27 16.06 7.25
N VAL A 57 15.47 14.92 7.90
CA VAL A 57 15.32 13.61 7.27
C VAL A 57 14.52 12.69 8.19
N ALA A 58 13.97 11.62 7.61
CA ALA A 58 13.34 10.54 8.36
C ALA A 58 14.29 9.36 8.37
N LEU A 59 14.85 9.06 9.54
CA LEU A 59 15.85 8.00 9.65
C LEU A 59 15.18 6.76 10.19
N LYS A 60 15.16 5.72 9.38
CA LYS A 60 14.60 4.43 9.78
C LYS A 60 15.70 3.66 10.51
N ILE A 61 15.48 3.36 11.79
CA ILE A 61 16.45 2.59 12.59
C ILE A 61 15.91 1.17 12.81
N ILE A 62 16.43 0.21 12.05
CA ILE A 62 15.99 -1.18 12.14
C ILE A 62 16.55 -1.82 13.41
N LYS A 63 15.74 -2.68 14.03
CA LYS A 63 16.19 -3.44 15.21
C LYS A 63 17.47 -4.23 14.98
N ASN A 64 18.16 -4.50 16.08
CA ASN A 64 19.35 -5.35 16.06
C ASN A 64 18.90 -6.82 16.06
N VAL A 65 18.45 -7.27 14.90
CA VAL A 65 17.92 -8.61 14.69
C VAL A 65 18.49 -9.04 13.35
N GLU A 66 19.16 -10.19 13.34
CA GLU A 66 19.86 -10.65 12.14
C GLU A 66 18.95 -10.74 10.90
N LYS A 67 17.77 -11.34 11.04
CA LYS A 67 16.85 -11.45 9.89
C LYS A 67 16.33 -10.09 9.37
N TYR A 68 16.13 -9.13 10.27
CA TYR A 68 15.71 -7.78 9.87
C TYR A 68 16.83 -7.02 9.19
N LYS A 69 18.05 -7.22 9.69
CA LYS A 69 19.25 -6.66 9.08
C LYS A 69 19.39 -7.15 7.64
N GLU A 70 19.23 -8.46 7.44
CA GLU A 70 19.31 -9.07 6.10
C GLU A 70 18.21 -8.55 5.18
N ALA A 71 17.02 -8.37 5.75
CA ALA A 71 15.87 -7.85 5.00
C ALA A 71 16.15 -6.40 4.55
N ALA A 72 16.74 -5.63 5.45
CA ALA A 72 17.09 -4.23 5.19
C ALA A 72 18.11 -4.05 4.05
N ARG A 73 19.05 -4.99 3.95
CA ARG A 73 20.03 -4.99 2.86
C ARG A 73 19.35 -5.14 1.50
N LEU A 74 18.38 -6.04 1.42
CA LEU A 74 17.60 -6.21 0.20
C LEU A 74 16.78 -4.97 -0.08
N GLU A 75 16.18 -4.40 0.96
CA GLU A 75 15.43 -3.16 0.81
C GLU A 75 16.33 -2.07 0.23
N ILE A 76 17.54 -1.94 0.80
CA ILE A 76 18.52 -0.94 0.35
C ILE A 76 18.87 -1.08 -1.14
N ASN A 77 19.03 -2.32 -1.59
CA ASN A 77 19.31 -2.61 -3.00
C ASN A 77 18.19 -2.13 -3.95
N VAL A 78 16.93 -2.31 -3.53
CA VAL A 78 15.78 -1.80 -4.29
C VAL A 78 15.77 -0.28 -4.30
N LEU A 79 15.94 0.32 -3.12
CA LEU A 79 16.07 1.76 -2.97
C LEU A 79 17.19 2.37 -3.82
N GLU A 80 18.35 1.71 -3.85
CA GLU A 80 19.45 2.12 -4.71
C GLU A 80 19.07 2.06 -6.19
N LYS A 81 18.35 1.01 -6.59
CA LYS A 81 17.87 0.90 -7.97
C LYS A 81 16.91 2.04 -8.33
N ILE A 82 16.03 2.38 -7.40
CA ILE A 82 15.04 3.46 -7.56
C ILE A 82 15.72 4.80 -7.82
N ASN A 83 16.69 5.15 -6.97
CA ASN A 83 17.47 6.37 -7.09
C ASN A 83 18.22 6.46 -8.41
N GLU A 84 18.86 5.34 -8.76
CA GLU A 84 19.58 5.22 -10.02
C GLU A 84 18.68 5.52 -11.22
N LYS A 85 17.51 4.88 -11.25
CA LYS A 85 16.56 5.05 -12.35
C LYS A 85 15.69 6.30 -12.26
N ASP A 86 15.87 7.09 -11.20
CA ASP A 86 15.07 8.30 -11.03
C ASP A 86 15.91 9.48 -10.51
N PRO A 87 16.92 9.89 -11.30
CA PRO A 87 17.87 10.94 -10.86
C PRO A 87 17.22 12.29 -10.61
N ASP A 88 16.09 12.55 -11.28
CA ASP A 88 15.37 13.80 -11.14
C ASP A 88 14.17 13.67 -10.21
N ASN A 89 14.07 12.53 -9.54
CA ASN A 89 13.06 12.33 -8.51
C ASN A 89 11.62 12.59 -9.00
N LYS A 90 11.29 12.01 -10.15
CA LYS A 90 10.02 12.26 -10.85
C LYS A 90 8.96 11.20 -10.60
N ASN A 91 9.38 10.04 -10.10
CA ASN A 91 8.51 8.89 -10.15
C ASN A 91 7.88 8.44 -8.83
N LEU A 92 7.78 9.36 -7.88
CA LEU A 92 6.80 9.23 -6.77
C LEU A 92 7.02 8.07 -5.80
N CYS A 93 8.23 7.51 -5.83
CA CYS A 93 8.68 6.52 -4.87
C CYS A 93 9.60 7.23 -3.88
N VAL A 94 9.60 6.78 -2.63
CA VAL A 94 10.37 7.48 -1.59
C VAL A 94 11.85 7.51 -1.94
N GLN A 95 12.51 8.61 -1.54
CA GLN A 95 13.94 8.77 -1.76
C GLN A 95 14.72 8.35 -0.55
N MET A 96 15.66 7.44 -0.75
CA MET A 96 16.70 7.17 0.24
C MET A 96 17.87 8.10 -0.04
N PHE A 97 18.31 8.82 0.99
CA PHE A 97 19.48 9.70 0.86
C PHE A 97 20.77 9.01 1.28
N ASP A 98 20.71 8.15 2.29
CA ASP A 98 21.89 7.51 2.85
CA ASP A 98 21.89 7.52 2.88
C ASP A 98 21.49 6.24 3.59
N TRP A 99 22.45 5.34 3.78
CA TRP A 99 22.26 4.18 4.63
C TRP A 99 23.58 3.79 5.31
N PHE A 100 23.48 3.20 6.49
CA PHE A 100 24.65 2.72 7.20
C PHE A 100 24.29 1.64 8.22
N ASP A 101 25.29 0.81 8.56
CA ASP A 101 25.17 -0.17 9.62
C ASP A 101 25.64 0.50 10.90
N TYR A 102 24.71 0.71 11.82
CA TYR A 102 25.04 1.31 13.10
C TYR A 102 25.01 0.26 14.20
N HIS A 103 26.13 -0.46 14.33
CA HIS A 103 26.32 -1.48 15.37
C HIS A 103 25.24 -2.58 15.31
N GLY A 104 24.94 -3.06 14.10
CA GLY A 104 23.91 -4.08 13.92
C GLY A 104 22.55 -3.55 13.49
N HIS A 105 22.28 -2.29 13.84
CA HIS A 105 21.07 -1.59 13.40
C HIS A 105 21.28 -0.99 12.03
N MET A 106 20.58 -1.50 11.02
CA MET A 106 20.62 -0.89 9.70
C MET A 106 19.84 0.41 9.75
N CYS A 107 20.46 1.49 9.30
CA CYS A 107 19.79 2.80 9.31
C CYS A 107 19.68 3.32 7.90
N ILE A 108 18.50 3.80 7.54
CA ILE A 108 18.24 4.32 6.21
C ILE A 108 17.64 5.72 6.34
N SER A 109 18.33 6.68 5.74
CA SER A 109 17.88 8.07 5.78
C SER A 109 17.00 8.36 4.56
N PHE A 110 15.77 8.75 4.83
CA PHE A 110 14.77 9.07 3.81
C PHE A 110 14.43 10.57 3.81
N GLU A 111 13.92 11.05 2.67
CA GLU A 111 13.23 12.35 2.65
C GLU A 111 12.13 12.40 3.73
N LEU A 112 11.91 13.57 4.31
CA LEU A 112 10.89 13.76 5.33
C LEU A 112 9.52 14.05 4.70
N LEU A 113 8.56 13.18 4.98
CA LEU A 113 7.20 13.28 4.47
C LEU A 113 6.23 13.50 5.64
N GLY A 114 4.94 13.46 5.36
CA GLY A 114 3.90 13.64 6.40
C GLY A 114 3.22 12.32 6.74
N LEU A 115 1.99 12.40 7.21
CA LEU A 115 1.23 11.21 7.59
C LEU A 115 0.88 10.32 6.39
N SER A 116 0.75 9.02 6.67
CA SER A 116 0.25 8.07 5.70
C SER A 116 -1.20 8.33 5.38
N THR A 117 -1.62 7.89 4.20
CA THR A 117 -3.01 8.01 3.79
C THR A 117 -3.94 7.24 4.74
N PHE A 118 -3.42 6.20 5.38
CA PHE A 118 -4.22 5.48 6.37
C PHE A 118 -4.42 6.32 7.63
N ASP A 119 -3.32 6.85 8.16
CA ASP A 119 -3.35 7.64 9.40
C ASP A 119 -4.18 8.89 9.22
N PHE A 120 -4.08 9.52 8.06
CA PHE A 120 -4.92 10.67 7.76
C PHE A 120 -6.40 10.25 7.71
N LEU A 121 -6.68 9.12 7.08
CA LEU A 121 -8.06 8.63 7.00
C LEU A 121 -8.61 8.36 8.39
N LYS A 122 -7.81 7.65 9.20
CA LYS A 122 -8.13 7.32 10.59
C LYS A 122 -8.41 8.58 11.43
N ASP A 123 -7.48 9.55 11.40
CA ASP A 123 -7.64 10.84 12.10
C ASP A 123 -8.89 11.61 11.70
N ASN A 124 -9.43 11.27 10.54
CA ASN A 124 -10.64 11.89 10.00
C ASN A 124 -11.87 11.01 10.23
N ASN A 125 -11.82 10.16 11.27
CA ASN A 125 -12.93 9.25 11.61
C ASN A 125 -13.31 8.30 10.47
N TYR A 126 -12.32 7.94 9.63
CA TYR A 126 -12.56 7.09 8.45
C TYR A 126 -13.55 7.67 7.44
N LEU A 127 -13.76 8.98 7.47
CA LEU A 127 -14.57 9.62 6.45
C LEU A 127 -13.76 9.67 5.17
N PRO A 128 -14.32 9.14 4.07
CA PRO A 128 -13.54 8.96 2.83
C PRO A 128 -12.98 10.24 2.21
N TYR A 129 -11.99 10.09 1.34
CA TYR A 129 -11.45 11.20 0.56
C TYR A 129 -12.49 11.61 -0.49
N PRO A 130 -12.63 12.92 -0.75
CA PRO A 130 -13.57 13.29 -1.82
C PRO A 130 -13.05 12.78 -3.17
N ILE A 131 -13.93 12.67 -4.15
CA ILE A 131 -13.59 11.99 -5.40
C ILE A 131 -12.46 12.66 -6.18
N HIS A 132 -12.37 13.99 -6.13
CA HIS A 132 -11.28 14.71 -6.80
C HIS A 132 -9.92 14.42 -6.17
N GLN A 133 -9.90 14.17 -4.87
CA GLN A 133 -8.67 13.77 -4.19
C GLN A 133 -8.31 12.31 -4.48
N VAL A 134 -9.31 11.42 -4.47
CA VAL A 134 -9.12 10.03 -4.86
C VAL A 134 -8.51 9.97 -6.27
N ARG A 135 -8.99 10.84 -7.16
CA ARG A 135 -8.48 10.90 -8.52
C ARG A 135 -6.97 11.17 -8.56
N HIS A 136 -6.52 12.19 -7.82
CA HIS A 136 -5.09 12.58 -7.86
C HIS A 136 -4.22 11.56 -7.13
N MET A 137 -4.71 11.07 -6.00
CA MET A 137 -3.99 10.08 -5.21
C MET A 137 -3.84 8.79 -5.98
N ALA A 138 -4.92 8.34 -6.63
CA ALA A 138 -4.91 7.11 -7.43
C ALA A 138 -3.99 7.26 -8.62
N PHE A 139 -4.03 8.42 -9.27
CA PHE A 139 -3.16 8.66 -10.42
C PHE A 139 -1.68 8.56 -10.05
N GLN A 140 -1.31 9.16 -8.92
CA GLN A 140 0.06 9.13 -8.45
C GLN A 140 0.49 7.72 -8.04
N LEU A 141 -0.42 7.00 -7.38
CA LEU A 141 -0.17 5.62 -6.98
C LEU A 141 0.16 4.77 -8.22
N CYS A 142 -0.64 4.95 -9.26
CA CYS A 142 -0.42 4.22 -10.53
C CYS A 142 0.90 4.59 -11.20
N GLN A 143 1.26 5.89 -11.20
CA GLN A 143 2.52 6.34 -11.77
C GLN A 143 3.71 5.74 -11.05
N ALA A 144 3.67 5.78 -9.72
CA ALA A 144 4.77 5.32 -8.89
C ALA A 144 5.04 3.84 -9.09
N VAL A 145 3.98 3.06 -9.18
CA VAL A 145 4.12 1.62 -9.27
C VAL A 145 4.40 1.19 -10.73
N LYS A 146 3.88 1.95 -11.69
CA LYS A 146 4.29 1.77 -13.10
C LYS A 146 5.81 1.87 -13.29
N PHE A 147 6.42 2.87 -12.67
CA PHE A 147 7.87 3.02 -12.65
C PHE A 147 8.54 1.75 -12.12
N LEU A 148 8.05 1.22 -11.02
CA LEU A 148 8.55 -0.05 -10.48
C LEU A 148 8.40 -1.16 -11.50
N HIS A 149 7.20 -1.32 -12.07
CA HIS A 149 6.93 -2.38 -13.02
C HIS A 149 7.76 -2.26 -14.30
N ASP A 150 8.07 -1.02 -14.67
CA ASP A 150 8.94 -0.72 -15.81
C ASP A 150 10.37 -1.16 -15.55
N ASN A 151 10.71 -1.27 -14.27
CA ASN A 151 12.06 -1.61 -13.87
C ASN A 151 12.16 -2.99 -13.24
N LYS A 152 11.30 -3.90 -13.71
CA LYS A 152 11.33 -5.31 -13.29
C LYS A 152 11.18 -5.49 -11.78
N LEU A 153 10.35 -4.65 -11.17
CA LEU A 153 10.07 -4.76 -9.73
C LEU A 153 8.57 -4.93 -9.48
N THR A 154 8.25 -5.62 -8.38
CA THR A 154 6.88 -5.72 -7.89
C THR A 154 6.99 -5.32 -6.41
N HIS A 155 6.12 -4.42 -5.98
CA HIS A 155 6.18 -3.90 -4.62
C HIS A 155 5.72 -4.98 -3.63
N THR A 156 4.57 -5.56 -3.93
CA THR A 156 3.93 -6.69 -3.24
C THR A 156 3.21 -6.34 -1.94
N ASP A 157 3.44 -5.16 -1.38
CA ASP A 157 2.84 -4.81 -0.09
C ASP A 157 2.22 -3.40 -0.09
N LEU A 158 1.51 -3.09 -1.16
CA LEU A 158 0.84 -1.79 -1.28
C LEU A 158 -0.41 -1.80 -0.43
N LYS A 159 -0.57 -0.74 0.35
CA LYS A 159 -1.70 -0.54 1.27
C LYS A 159 -1.65 0.92 1.73
N PRO A 160 -2.78 1.46 2.25
CA PRO A 160 -2.79 2.88 2.60
C PRO A 160 -1.68 3.32 3.58
N GLU A 161 -1.23 2.41 4.44
CA GLU A 161 -0.12 2.71 5.38
C GLU A 161 1.21 2.94 4.67
N ASN A 162 1.35 2.42 3.46
CA ASN A 162 2.61 2.54 2.74
C ASN A 162 2.59 3.60 1.64
N ILE A 163 1.62 4.49 1.72
CA ILE A 163 1.51 5.62 0.81
C ILE A 163 1.40 6.85 1.72
N LEU A 164 2.42 7.72 1.71
CA LEU A 164 2.40 8.89 2.58
C LEU A 164 2.17 10.16 1.81
N PHE A 165 1.41 11.08 2.40
CA PHE A 165 1.36 12.45 1.91
C PHE A 165 2.73 13.09 2.09
N VAL A 166 3.15 13.84 1.07
CA VAL A 166 4.37 14.65 1.13
C VAL A 166 4.25 15.65 2.29
N ASN A 167 3.07 16.25 2.41
CA ASN A 167 2.71 17.13 3.51
C ASN A 167 1.23 16.91 3.83
N SER A 168 0.96 16.52 5.06
CA SER A 168 -0.40 16.23 5.50
C SER A 168 -1.10 17.39 6.25
N ASP A 169 -0.65 18.63 6.04
CA ASP A 169 -1.36 19.80 6.55
C ASP A 169 -2.75 19.83 5.92
N TYR A 170 -3.74 20.21 6.72
CA TYR A 170 -5.13 20.16 6.29
C TYR A 170 -5.92 21.41 6.64
N GLU A 171 -7.14 21.47 6.12
CA GLU A 171 -8.11 22.47 6.54
C GLU A 171 -9.45 21.81 6.82
N LEU A 172 -10.22 22.38 7.74
CA LEU A 172 -11.54 21.86 8.05
C LEU A 172 -12.53 22.30 6.97
N THR A 173 -13.18 21.33 6.36
CA THR A 173 -14.23 21.57 5.40
C THR A 173 -15.51 20.96 5.96
N TYR A 174 -16.66 21.53 5.60
CA TYR A 174 -17.93 20.99 6.04
C TYR A 174 -18.58 20.15 4.96
N ASN A 175 -19.03 18.96 5.35
CA ASN A 175 -19.74 18.07 4.46
C ASN A 175 -21.23 18.13 4.76
N LEU A 176 -21.96 18.82 3.89
CA LEU A 176 -23.41 19.04 4.03
C LEU A 176 -24.21 17.73 4.04
N GLU A 177 -23.83 16.80 3.17
CA GLU A 177 -24.52 15.50 3.07
C GLU A 177 -24.41 14.70 4.38
N LYS A 178 -23.24 14.75 5.00
CA LYS A 178 -22.96 13.98 6.21
C LYS A 178 -23.14 14.77 7.52
N LYS A 179 -23.37 16.08 7.40
CA LYS A 179 -23.58 16.98 8.55
C LYS A 179 -22.43 16.94 9.56
N ARG A 180 -21.21 16.82 9.05
CA ARG A 180 -20.02 16.72 9.88
C ARG A 180 -18.89 17.57 9.29
N ASP A 181 -17.96 17.99 10.15
CA ASP A 181 -16.71 18.57 9.71
C ASP A 181 -15.80 17.48 9.18
N GLU A 182 -15.05 17.79 8.13
CA GLU A 182 -14.05 16.88 7.60
C GLU A 182 -12.70 17.56 7.49
N ARG A 183 -11.63 16.81 7.77
CA ARG A 183 -10.28 17.31 7.56
C ARG A 183 -9.95 17.13 6.09
N SER A 184 -9.54 18.22 5.44
CA SER A 184 -9.23 18.18 4.02
C SER A 184 -7.76 18.50 3.79
N VAL A 185 -7.01 17.50 3.36
CA VAL A 185 -5.58 17.66 3.11
C VAL A 185 -5.40 18.78 2.07
N LYS A 186 -4.48 19.70 2.34
CA LYS A 186 -4.26 20.85 1.47
C LYS A 186 -3.64 20.41 0.14
N SER A 187 -2.74 19.44 0.20
CA SER A 187 -2.06 18.93 -1.00
C SER A 187 -2.10 17.41 -1.00
N THR A 188 -2.54 16.85 -2.12
CA THR A 188 -2.69 15.40 -2.26
C THR A 188 -1.45 14.70 -2.83
N ALA A 189 -0.32 15.41 -2.92
CA ALA A 189 0.94 14.80 -3.31
C ALA A 189 1.28 13.65 -2.37
N VAL A 190 1.65 12.50 -2.94
CA VAL A 190 1.96 11.29 -2.15
C VAL A 190 3.24 10.62 -2.64
N ARG A 191 3.80 9.75 -1.81
CA ARG A 191 4.90 8.86 -2.20
C ARG A 191 4.64 7.44 -1.70
N VAL A 192 5.03 6.47 -2.51
CA VAL A 192 5.02 5.08 -2.08
C VAL A 192 6.28 4.78 -1.28
N VAL A 193 6.11 4.20 -0.09
CA VAL A 193 7.25 3.87 0.77
C VAL A 193 7.29 2.36 1.05
N ASP A 194 8.23 1.93 1.89
CA ASP A 194 8.42 0.54 2.36
C ASP A 194 8.69 -0.48 1.26
N PHE A 195 9.94 -0.52 0.83
CA PHE A 195 10.38 -1.44 -0.23
C PHE A 195 11.02 -2.72 0.32
N GLY A 196 10.76 -2.96 1.60
CA GLY A 196 11.21 -4.17 2.29
C GLY A 196 10.69 -5.47 1.68
N SER A 197 9.57 -5.40 0.96
CA SER A 197 9.00 -6.62 0.35
C SER A 197 9.14 -6.66 -1.17
N ALA A 198 9.70 -5.60 -1.75
CA ALA A 198 9.78 -5.46 -3.21
C ALA A 198 10.69 -6.51 -3.83
N THR A 199 10.25 -7.05 -4.98
CA THR A 199 10.93 -8.22 -5.56
C THR A 199 11.25 -7.97 -7.02
N PHE A 200 12.51 -8.23 -7.40
CA PHE A 200 12.92 -8.17 -8.81
C PHE A 200 12.45 -9.42 -9.54
N ASP A 201 12.17 -9.28 -10.84
CA ASP A 201 11.73 -10.39 -11.68
C ASP A 201 12.58 -11.65 -11.51
N HIS A 202 13.91 -11.45 -11.44
CA HIS A 202 14.90 -12.55 -11.43
C HIS A 202 15.15 -13.13 -10.03
N GLU A 203 14.58 -12.50 -9.02
CA GLU A 203 14.87 -12.82 -7.62
C GLU A 203 13.90 -13.90 -7.10
N HIS A 204 14.31 -14.60 -6.03
CA HIS A 204 13.43 -15.55 -5.36
C HIS A 204 12.13 -14.86 -4.93
N HIS A 205 11.00 -15.47 -5.28
CA HIS A 205 9.69 -14.93 -4.94
C HIS A 205 9.17 -15.66 -3.70
N SER A 206 8.73 -14.91 -2.69
CA SER A 206 8.02 -15.51 -1.57
C SER A 206 6.72 -16.11 -2.10
N THR A 207 6.27 -17.21 -1.49
CA THR A 207 5.02 -17.84 -1.92
C THR A 207 3.81 -16.95 -1.63
N ILE A 208 3.65 -16.54 -0.39
CA ILE A 208 2.57 -15.63 -0.02
C ILE A 208 3.14 -14.22 0.11
N VAL A 209 2.48 -13.24 -0.52
CA VAL A 209 2.83 -11.81 -0.40
C VAL A 209 1.61 -10.95 -0.13
N SER A 210 1.85 -9.69 0.21
CA SER A 210 0.83 -8.67 0.48
C SER A 210 0.16 -8.89 1.81
N THR A 211 -0.28 -7.77 2.40
CA THR A 211 -1.11 -7.79 3.58
C THR A 211 -2.46 -8.35 3.15
N ARG A 212 -2.98 -9.28 3.95
CA ARG A 212 -4.24 -9.97 3.72
C ARG A 212 -5.29 -9.21 2.89
N HIS A 213 -5.72 -8.04 3.36
CA HIS A 213 -6.82 -7.30 2.70
C HIS A 213 -6.52 -6.92 1.25
N TYR A 214 -5.23 -6.83 0.91
CA TYR A 214 -4.78 -6.30 -0.39
C TYR A 214 -4.24 -7.39 -1.29
N ARG A 215 -4.44 -8.64 -0.87
CA ARG A 215 -3.82 -9.79 -1.50
C ARG A 215 -4.64 -10.30 -2.70
N ALA A 216 -3.95 -10.48 -3.82
CA ALA A 216 -4.54 -10.91 -5.09
C ALA A 216 -4.94 -12.40 -5.08
N PRO A 217 -5.99 -12.78 -5.86
CA PRO A 217 -6.46 -14.16 -5.88
C PRO A 217 -5.41 -15.18 -6.36
N GLU A 218 -4.60 -14.80 -7.35
CA GLU A 218 -3.50 -15.66 -7.80
C GLU A 218 -2.47 -15.93 -6.70
N VAL A 219 -2.36 -15.02 -5.73
CA VAL A 219 -1.49 -15.23 -4.58
C VAL A 219 -2.12 -16.23 -3.60
N ILE A 220 -3.39 -15.98 -3.24
CA ILE A 220 -4.15 -16.90 -2.38
C ILE A 220 -4.13 -18.32 -2.97
N LEU A 221 -4.30 -18.41 -4.29
CA LEU A 221 -4.46 -19.72 -4.95
C LEU A 221 -3.12 -20.32 -5.38
N GLU A 222 -2.03 -19.63 -5.04
CA GLU A 222 -0.67 -20.06 -5.34
C GLU A 222 -0.47 -20.42 -6.81
N LEU A 223 -0.96 -19.55 -7.69
CA LEU A 223 -0.86 -19.76 -9.13
C LEU A 223 0.40 -19.13 -9.74
N GLY A 224 1.22 -18.52 -8.89
CA GLY A 224 2.34 -17.69 -9.33
C GLY A 224 1.88 -16.24 -9.37
N TRP A 225 2.78 -15.32 -9.07
CA TRP A 225 2.43 -13.91 -9.08
C TRP A 225 3.57 -13.09 -9.67
N SER A 226 3.22 -11.92 -10.21
CA SER A 226 4.21 -10.95 -10.67
C SER A 226 3.60 -9.57 -10.53
N GLN A 227 3.95 -8.66 -11.46
CA GLN A 227 3.46 -7.28 -11.42
C GLN A 227 1.93 -7.14 -11.20
N PRO A 228 1.11 -7.95 -11.90
CA PRO A 228 -0.34 -7.77 -11.77
C PRO A 228 -0.88 -7.83 -10.32
N CYS A 229 -0.21 -8.53 -9.42
CA CYS A 229 -0.68 -8.57 -8.02
C CYS A 229 -0.65 -7.19 -7.35
N ASP A 230 0.27 -6.31 -7.79
CA ASP A 230 0.27 -4.93 -7.34
C ASP A 230 -1.01 -4.21 -7.79
N VAL A 231 -1.47 -4.51 -9.00
CA VAL A 231 -2.63 -3.82 -9.56
C VAL A 231 -3.89 -4.18 -8.76
N TRP A 232 -4.03 -5.44 -8.39
CA TRP A 232 -5.11 -5.86 -7.50
C TRP A 232 -5.09 -5.03 -6.19
N SER A 233 -3.94 -4.95 -5.53
CA SER A 233 -3.81 -4.17 -4.29
C SER A 233 -4.27 -2.73 -4.51
N ILE A 234 -3.84 -2.14 -5.63
CA ILE A 234 -4.19 -0.77 -5.97
C ILE A 234 -5.71 -0.61 -6.12
N GLY A 235 -6.36 -1.56 -6.76
CA GLY A 235 -7.82 -1.56 -6.86
C GLY A 235 -8.44 -1.47 -5.47
N CYS A 236 -7.95 -2.31 -4.56
CA CYS A 236 -8.44 -2.38 -3.18
C CYS A 236 -8.21 -1.07 -2.43
N ILE A 237 -7.03 -0.48 -2.64
CA ILE A 237 -6.67 0.80 -2.01
C ILE A 237 -7.56 1.98 -2.47
N ILE A 238 -7.80 2.05 -3.78
CA ILE A 238 -8.60 3.12 -4.36
C ILE A 238 -10.03 3.05 -3.82
N PHE A 239 -10.57 1.84 -3.73
CA PHE A 239 -11.88 1.61 -3.13
C PHE A 239 -11.93 2.11 -1.68
N GLU A 240 -10.88 1.79 -0.91
CA GLU A 240 -10.79 2.19 0.48
C GLU A 240 -10.70 3.71 0.65
N TYR A 241 -10.05 4.38 -0.29
CA TYR A 241 -10.01 5.86 -0.30
C TYR A 241 -11.39 6.47 -0.54
N TYR A 242 -12.19 5.80 -1.37
CA TYR A 242 -13.49 6.31 -1.81
C TYR A 242 -14.63 6.06 -0.81
N VAL A 243 -14.60 4.91 -0.14
CA VAL A 243 -15.63 4.58 0.87
C VAL A 243 -15.13 4.71 2.32
N GLY A 244 -13.82 4.58 2.52
CA GLY A 244 -13.22 4.76 3.85
C GLY A 244 -13.01 3.50 4.66
N PHE A 245 -13.57 2.38 4.20
CA PHE A 245 -13.33 1.09 4.85
C PHE A 245 -12.71 0.11 3.86
N THR A 246 -12.06 -0.93 4.40
CA THR A 246 -11.38 -1.94 3.59
CA THR A 246 -11.37 -1.91 3.56
C THR A 246 -12.37 -2.77 2.80
N LEU A 247 -12.04 -3.06 1.54
CA LEU A 247 -12.87 -3.90 0.68
C LEU A 247 -13.04 -5.34 1.21
N PHE A 248 -11.94 -5.97 1.60
CA PHE A 248 -11.95 -7.35 2.08
C PHE A 248 -11.55 -7.43 3.56
N GLN A 249 -12.55 -7.41 4.44
CA GLN A 249 -12.30 -7.46 5.87
C GLN A 249 -12.48 -8.90 6.39
N THR A 250 -11.38 -9.64 6.34
CA THR A 250 -11.38 -11.07 6.63
C THR A 250 -9.96 -11.48 6.95
N HIS A 251 -9.80 -12.60 7.65
CA HIS A 251 -8.46 -13.16 7.88
C HIS A 251 -8.47 -14.65 7.59
N ASP A 252 -9.42 -15.06 6.75
CA ASP A 252 -9.61 -16.46 6.35
C ASP A 252 -9.64 -16.60 4.83
N ASN A 253 -8.79 -17.47 4.29
CA ASN A 253 -8.74 -17.71 2.84
C ASN A 253 -10.11 -18.00 2.18
N ARG A 254 -10.83 -19.00 2.71
CA ARG A 254 -12.11 -19.39 2.12
C ARG A 254 -13.15 -18.27 2.19
N GLU A 255 -13.25 -17.62 3.35
CA GLU A 255 -14.11 -16.44 3.48
C GLU A 255 -13.70 -15.31 2.52
N HIS A 256 -12.39 -15.11 2.35
CA HIS A 256 -11.87 -14.09 1.44
C HIS A 256 -12.33 -14.38 0.02
N LEU A 257 -12.21 -15.64 -0.37
CA LEU A 257 -12.66 -16.10 -1.69
C LEU A 257 -14.17 -15.94 -1.86
N ALA A 258 -14.94 -16.17 -0.80
CA ALA A 258 -16.39 -16.00 -0.85
C ALA A 258 -16.76 -14.53 -0.99
N MET A 259 -15.99 -13.66 -0.33
CA MET A 259 -16.16 -12.21 -0.42
C MET A 259 -15.86 -11.71 -1.83
N MET A 260 -14.77 -12.22 -2.42
CA MET A 260 -14.48 -11.93 -3.83
C MET A 260 -15.67 -12.29 -4.72
N GLU A 261 -16.24 -13.48 -4.51
CA GLU A 261 -17.36 -13.91 -5.36
C GLU A 261 -18.62 -13.06 -5.19
N ARG A 262 -18.92 -12.65 -3.97
CA ARG A 262 -20.05 -11.77 -3.71
C ARG A 262 -19.86 -10.38 -4.31
N ILE A 263 -18.64 -9.85 -4.22
CA ILE A 263 -18.36 -8.50 -4.70
C ILE A 263 -18.15 -8.47 -6.22
N LEU A 264 -17.51 -9.51 -6.74
CA LEU A 264 -17.03 -9.49 -8.13
C LEU A 264 -17.65 -10.53 -9.03
N GLY A 265 -18.41 -11.46 -8.47
CA GLY A 265 -18.95 -12.58 -9.26
C GLY A 265 -18.03 -13.80 -9.18
N PRO A 266 -18.43 -14.92 -9.81
CA PRO A 266 -17.70 -16.19 -9.61
C PRO A 266 -16.25 -16.17 -10.09
N ILE A 267 -15.38 -16.90 -9.37
CA ILE A 267 -13.99 -17.09 -9.76
C ILE A 267 -13.96 -17.85 -11.10
N PRO A 268 -13.11 -17.42 -12.05
CA PRO A 268 -13.00 -18.13 -13.32
C PRO A 268 -12.63 -19.61 -13.14
N SER A 269 -13.28 -20.49 -13.91
CA SER A 269 -13.04 -21.93 -13.79
C SER A 269 -11.59 -22.34 -14.05
N ARG A 270 -10.88 -21.62 -14.93
CA ARG A 270 -9.47 -21.95 -15.20
C ARG A 270 -8.63 -21.83 -13.95
N MET A 271 -8.87 -20.80 -13.15
CA MET A 271 -8.12 -20.60 -11.92
C MET A 271 -8.44 -21.69 -10.89
N ILE A 272 -9.70 -22.09 -10.85
CA ILE A 272 -10.16 -23.18 -9.97
C ILE A 272 -9.54 -24.51 -10.38
N ARG A 273 -9.55 -24.78 -11.70
CA ARG A 273 -8.95 -25.99 -12.28
C ARG A 273 -7.45 -26.08 -11.98
N LYS A 274 -6.76 -24.95 -12.08
CA LYS A 274 -5.30 -24.88 -11.98
C LYS A 274 -4.73 -24.89 -10.56
N THR A 275 -5.47 -24.34 -9.60
CA THR A 275 -4.97 -24.25 -8.23
C THR A 275 -4.81 -25.60 -7.53
N ARG A 276 -3.76 -25.71 -6.71
CA ARG A 276 -3.58 -26.87 -5.84
C ARG A 276 -4.45 -26.72 -4.59
N LYS A 277 -5.04 -25.55 -4.41
CA LYS A 277 -5.85 -25.26 -3.23
C LYS A 277 -7.26 -25.87 -3.36
N GLN A 278 -7.31 -27.17 -3.65
CA GLN A 278 -8.57 -27.86 -3.95
C GLN A 278 -9.50 -28.05 -2.74
N LYS A 279 -9.00 -27.84 -1.53
CA LYS A 279 -9.86 -27.90 -0.35
C LYS A 279 -10.92 -26.79 -0.35
N TYR A 280 -10.66 -25.70 -1.08
CA TYR A 280 -11.62 -24.59 -1.12
C TYR A 280 -12.73 -24.79 -2.13
N PHE A 281 -12.67 -25.89 -2.87
CA PHE A 281 -13.53 -26.08 -4.05
C PHE A 281 -14.21 -27.43 -4.07
N TYR A 282 -15.44 -27.44 -4.60
CA TYR A 282 -16.27 -28.63 -4.65
C TYR A 282 -17.11 -28.58 -5.92
N ARG A 283 -17.08 -29.67 -6.67
CA ARG A 283 -17.77 -29.77 -7.96
C ARG A 283 -17.44 -28.60 -8.91
N GLY A 284 -16.17 -28.21 -8.92
CA GLY A 284 -15.67 -27.19 -9.86
C GLY A 284 -15.96 -25.74 -9.51
N ARG A 285 -16.64 -25.51 -8.39
CA ARG A 285 -16.96 -24.16 -7.95
C ARG A 285 -16.52 -23.99 -6.50
N LEU A 286 -16.49 -22.75 -6.02
CA LEU A 286 -16.14 -22.47 -4.64
C LEU A 286 -17.03 -23.26 -3.67
N ASP A 287 -16.37 -23.87 -2.68
CA ASP A 287 -17.05 -24.65 -1.65
C ASP A 287 -17.47 -23.70 -0.53
N TRP A 288 -18.60 -23.06 -0.73
CA TRP A 288 -19.12 -22.08 0.22
C TRP A 288 -20.64 -22.16 0.28
N ASP A 289 -21.17 -22.24 1.50
CA ASP A 289 -22.62 -22.31 1.70
C ASP A 289 -23.13 -20.97 2.22
N GLU A 290 -23.84 -20.25 1.35
CA GLU A 290 -24.31 -18.89 1.66
C GLU A 290 -25.41 -18.87 2.72
N ASN A 291 -25.97 -20.04 2.98
CA ASN A 291 -27.12 -20.17 3.89
C ASN A 291 -26.73 -20.55 5.33
N THR A 292 -25.44 -20.59 5.60
CA THR A 292 -24.93 -20.76 6.97
C THR A 292 -24.78 -19.38 7.58
N SER A 293 -24.35 -19.32 8.84
CA SER A 293 -24.09 -18.03 9.47
C SER A 293 -22.83 -17.38 8.90
N ALA A 294 -21.83 -18.20 8.58
CA ALA A 294 -20.64 -17.70 7.88
C ALA A 294 -21.04 -17.04 6.55
N GLY A 295 -21.91 -17.72 5.81
CA GLY A 295 -22.43 -17.23 4.54
C GLY A 295 -23.32 -16.02 4.70
N ARG A 296 -24.07 -15.99 5.79
CA ARG A 296 -24.91 -14.85 6.13
C ARG A 296 -24.06 -13.61 6.41
N TYR A 297 -22.94 -13.79 7.13
CA TYR A 297 -22.02 -12.69 7.40
C TYR A 297 -21.52 -12.03 6.11
N VAL A 298 -21.05 -12.84 5.16
CA VAL A 298 -20.55 -12.32 3.89
C VAL A 298 -21.65 -11.55 3.14
N ARG A 299 -22.85 -12.13 3.09
CA ARG A 299 -24.01 -11.49 2.45
C ARG A 299 -24.36 -10.14 3.08
N GLU A 300 -24.27 -10.07 4.40
CA GLU A 300 -24.60 -8.86 5.15
C GLU A 300 -23.50 -7.81 5.21
N ASN A 301 -22.26 -8.24 5.07
CA ASN A 301 -21.12 -7.32 5.24
C ASN A 301 -20.37 -6.97 3.96
N CYS A 302 -20.82 -7.50 2.83
CA CYS A 302 -20.38 -7.02 1.54
C CYS A 302 -21.42 -7.31 0.46
N LYS A 303 -21.25 -6.68 -0.70
CA LYS A 303 -22.23 -6.69 -1.77
C LYS A 303 -21.54 -6.47 -3.12
N PRO A 304 -22.27 -6.67 -4.23
CA PRO A 304 -21.67 -6.40 -5.54
C PRO A 304 -21.00 -5.02 -5.59
N LEU A 305 -19.84 -4.97 -6.22
CA LEU A 305 -18.96 -3.79 -6.21
C LEU A 305 -19.63 -2.45 -6.53
N ARG A 306 -20.45 -2.42 -7.58
CA ARG A 306 -21.06 -1.15 -8.01
C ARG A 306 -22.08 -0.59 -7.03
N ARG A 307 -22.57 -1.44 -6.14
CA ARG A 307 -23.51 -1.01 -5.10
C ARG A 307 -22.88 -0.06 -4.07
N TYR A 308 -21.56 0.08 -4.08
CA TYR A 308 -20.85 0.99 -3.19
C TYR A 308 -20.78 2.44 -3.68
N LEU A 309 -21.23 2.68 -4.91
CA LEU A 309 -21.34 4.05 -5.44
C LEU A 309 -22.16 4.93 -4.50
N THR A 310 -21.68 6.15 -4.25
CA THR A 310 -22.39 7.10 -3.39
C THR A 310 -23.03 8.23 -4.20
N SER A 311 -22.85 8.19 -5.51
CA SER A 311 -23.43 9.14 -6.43
C SER A 311 -23.56 8.47 -7.78
N GLU A 312 -24.62 8.81 -8.50
CA GLU A 312 -24.88 8.29 -9.84
C GLU A 312 -24.20 9.12 -10.92
N ALA A 313 -23.55 10.22 -10.52
CA ALA A 313 -22.86 11.09 -11.47
C ALA A 313 -21.80 10.30 -12.22
N GLU A 314 -21.61 10.66 -13.48
CA GLU A 314 -20.74 9.93 -14.40
C GLU A 314 -19.32 9.67 -13.87
N GLU A 315 -18.74 10.65 -13.20
CA GLU A 315 -17.35 10.54 -12.69
C GLU A 315 -17.19 9.41 -11.66
N HIS A 316 -18.23 9.18 -10.86
CA HIS A 316 -18.26 8.08 -9.90
C HIS A 316 -18.31 6.72 -10.61
N HIS A 317 -19.12 6.61 -11.66
CA HIS A 317 -19.17 5.39 -12.48
C HIS A 317 -17.83 5.12 -13.15
N GLN A 318 -17.17 6.18 -13.62
CA GLN A 318 -15.84 6.09 -14.21
C GLN A 318 -14.81 5.54 -13.23
N LEU A 319 -14.89 5.98 -11.97
CA LEU A 319 -14.01 5.44 -10.92
C LEU A 319 -14.24 3.96 -10.75
N PHE A 320 -15.51 3.55 -10.69
CA PHE A 320 -15.82 2.13 -10.51
C PHE A 320 -15.48 1.26 -11.73
N ASP A 321 -15.49 1.86 -12.92
CA ASP A 321 -14.98 1.19 -14.12
C ASP A 321 -13.51 0.81 -13.91
N LEU A 322 -12.73 1.78 -13.42
CA LEU A 322 -11.31 1.57 -13.13
C LEU A 322 -11.06 0.51 -12.05
N ILE A 323 -11.76 0.64 -10.92
CA ILE A 323 -11.62 -0.32 -9.82
C ILE A 323 -11.95 -1.73 -10.31
N GLU A 324 -13.05 -1.87 -11.04
CA GLU A 324 -13.51 -3.16 -11.52
C GLU A 324 -12.48 -3.83 -12.43
N SER A 325 -11.88 -3.04 -13.34
CA SER A 325 -10.81 -3.51 -14.23
C SER A 325 -9.56 -3.91 -13.46
N MET A 326 -9.25 -3.20 -12.38
CA MET A 326 -8.10 -3.54 -11.53
C MET A 326 -8.34 -4.81 -10.73
N LEU A 327 -9.61 -5.13 -10.51
CA LEU A 327 -9.99 -6.33 -9.77
C LEU A 327 -10.44 -7.47 -10.70
N GLU A 328 -9.89 -7.48 -11.92
CA GLU A 328 -10.03 -8.62 -12.81
C GLU A 328 -9.34 -9.82 -12.17
N TYR A 329 -10.05 -10.95 -12.10
CA TYR A 329 -9.54 -12.15 -11.44
C TYR A 329 -8.25 -12.68 -12.09
N GLU A 330 -8.27 -12.83 -13.42
CA GLU A 330 -7.11 -13.35 -14.16
C GLU A 330 -5.99 -12.32 -14.29
N PRO A 331 -4.82 -12.59 -13.69
CA PRO A 331 -3.73 -11.62 -13.66
C PRO A 331 -3.24 -11.21 -15.04
N ALA A 332 -3.25 -12.14 -15.98
CA ALA A 332 -2.88 -11.85 -17.37
C ALA A 332 -3.92 -11.02 -18.12
N LYS A 333 -5.17 -11.04 -17.65
CA LYS A 333 -6.22 -10.22 -18.27
C LYS A 333 -6.35 -8.86 -17.60
N ARG A 334 -5.78 -8.75 -16.40
CA ARG A 334 -5.90 -7.56 -15.56
C ARG A 334 -5.25 -6.34 -16.22
N LEU A 335 -5.90 -5.19 -16.09
CA LEU A 335 -5.35 -3.89 -16.49
C LEU A 335 -3.90 -3.74 -16.02
N THR A 336 -3.03 -3.29 -16.91
CA THR A 336 -1.67 -2.91 -16.52
C THR A 336 -1.71 -1.44 -16.13
N LEU A 337 -0.68 -0.98 -15.41
CA LEU A 337 -0.68 0.38 -14.90
C LEU A 337 -0.49 1.39 -16.03
N GLY A 338 0.21 0.98 -17.09
CA GLY A 338 0.32 1.81 -18.29
C GLY A 338 -1.03 2.08 -18.90
N GLU A 339 -1.89 1.06 -18.94
CA GLU A 339 -3.27 1.22 -19.39
C GLU A 339 -4.09 2.06 -18.38
N ALA A 340 -3.86 1.84 -17.09
CA ALA A 340 -4.64 2.57 -16.06
C ALA A 340 -4.44 4.09 -16.16
N LEU A 341 -3.21 4.53 -16.41
CA LEU A 341 -2.88 5.95 -16.50
C LEU A 341 -3.67 6.66 -17.62
N GLN A 342 -4.23 5.88 -18.53
CA GLN A 342 -4.98 6.38 -19.68
C GLN A 342 -6.49 6.29 -19.49
N HIS A 343 -6.90 5.79 -18.33
CA HIS A 343 -8.32 5.60 -18.06
C HIS A 343 -9.10 6.93 -18.05
N PRO A 344 -10.35 6.94 -18.60
CA PRO A 344 -11.20 8.14 -18.60
C PRO A 344 -11.40 8.76 -17.22
N PHE A 345 -11.36 7.96 -16.15
CA PHE A 345 -11.46 8.50 -14.78
C PHE A 345 -10.43 9.63 -14.52
N PHE A 346 -9.26 9.52 -15.16
CA PHE A 346 -8.20 10.48 -14.92
C PHE A 346 -8.25 11.74 -15.78
N ALA A 347 -9.20 11.78 -16.71
CA ALA A 347 -9.32 12.90 -17.67
C ALA A 347 -9.45 14.29 -17.03
N ARG A 348 -10.14 14.37 -15.89
CA ARG A 348 -10.32 15.64 -15.17
C ARG A 348 -9.05 16.24 -14.54
N LEU A 349 -8.05 15.40 -14.28
CA LEU A 349 -6.77 15.86 -13.73
C LEU A 349 -5.96 16.71 -14.70
N ARG A 350 -5.26 17.72 -14.18
CA ARG A 350 -4.25 18.47 -14.94
C ARG A 350 -3.07 17.59 -15.35
C1 3NG B . 8.42 6.06 6.67
C2 3NG B . 8.96 7.23 6.06
C3 3NG B . 9.80 7.06 4.94
C4 3NG B . 10.11 5.79 4.43
C5 3NG B . 9.57 4.64 5.05
C6 3NG B . 8.75 4.80 6.17
C7 3NG B . 7.76 8.50 7.76
C8 3NG B . 8.61 8.47 6.62
N9 3NG B . 7.61 6.12 7.76
C10 3NG B . 7.26 7.32 8.31
C11 3NG B . 7.90 10.94 7.75
N12 3NG B . 8.71 10.88 6.65
C13 3NG B . 9.07 9.70 6.10
C14 3NG B . 7.41 9.75 8.31
N15 3NG B . 6.42 7.36 9.41
C16 3NG B . 6.01 6.30 10.16
C17 3NG B . 6.88 5.25 10.49
C18 3NG B . 6.42 4.18 11.27
C19 3NG B . 5.11 4.16 11.76
C20 3NG B . 4.24 5.20 11.43
C21 3NG B . 4.70 6.26 10.64
CL22 3NG B . 7.54 2.91 11.65
C23 3NG B . 9.89 3.28 4.48
O24 3NG B . 9.78 2.28 5.18
O25 3NG B . 10.25 3.19 3.21
#